data_5QI9
#
_entry.id   5QI9
#
_cell.length_a   34.332
_cell.length_b   41.598
_cell.length_c   111.147
_cell.angle_alpha   90.000
_cell.angle_beta   90.000
_cell.angle_gamma   90.000
#
_symmetry.space_group_name_H-M   'P 21 21 21'
#
loop_
_entity.id
_entity.type
_entity.pdbx_description
1 polymer 'Poly [ADP-ribose] polymerase 14'
2 non-polymer 'CHLORIDE ION'
3 non-polymer 'DIMETHYL SULFOXIDE'
4 non-polymer (4-chloranyl-2-methyl-pyrazol-3-yl)-piperidin-1-yl-methanone
5 water water
#
_entity_poly.entity_id   1
_entity_poly.type   'polypeptide(L)'
_entity_poly.pdbx_seq_one_letter_code
;SMFYGTVSSPDSGVYEMKIGSIIFQVASGDITKEEADVIVNSTSNSFNLKAGVSKAILECAGQNVERECSQQAQQRKNDY
IITGGGFLRCKNIIHVIGGNDVKSSVSSVLQECEKKNYSSICLPAIGTGNAKQHPDKVAEAIIDAIEDFVQKGSAQSVKK
VKVVIFLPQVLDVFYANMKKREG
;
_entity_poly.pdbx_strand_id   A
#
loop_
_chem_comp.id
_chem_comp.type
_chem_comp.name
_chem_comp.formula
CL non-polymer 'CHLORIDE ION' 'Cl -1'
DMS non-polymer 'DIMETHYL SULFOXIDE' 'C2 H6 O S'
GW1 non-polymer (4-chloranyl-2-methyl-pyrazol-3-yl)-piperidin-1-yl-methanone 'C10 H14 Cl N3 O'
#
# COMPACT_ATOMS: atom_id res chain seq x y z
N MET A 2 -6.99 -22.69 2.13
CA MET A 2 -7.85 -22.46 0.93
C MET A 2 -7.18 -21.62 -0.16
N PHE A 3 -6.32 -20.68 0.26
CA PHE A 3 -5.55 -19.77 -0.67
C PHE A 3 -4.02 -19.64 -0.49
N TYR A 4 -3.49 -19.97 0.70
CA TYR A 4 -2.09 -19.63 1.05
C TYR A 4 -1.05 -20.66 0.62
N GLY A 5 -0.01 -20.17 -0.05
CA GLY A 5 1.19 -20.98 -0.34
C GLY A 5 2.21 -20.96 0.79
N THR A 6 3.46 -21.21 0.41
CA THR A 6 4.57 -21.39 1.35
C THR A 6 5.41 -20.10 1.45
N VAL A 7 5.84 -19.74 2.65
CA VAL A 7 6.72 -18.59 2.86
C VAL A 7 8.18 -18.97 2.50
N SER A 8 8.82 -18.19 1.64
CA SER A 8 10.26 -18.36 1.31
C SER A 8 10.91 -17.00 1.06
N SER A 9 12.23 -17.00 0.88
CA SER A 9 13.00 -15.79 0.58
C SER A 9 13.67 -15.86 -0.81
N PRO A 10 13.12 -15.14 -1.82
CA PRO A 10 13.66 -15.23 -3.18
C PRO A 10 14.92 -14.39 -3.39
N ASP A 11 15.07 -13.33 -2.58
CA ASP A 11 16.21 -12.42 -2.64
C ASP A 11 16.54 -12.01 -1.21
N SER A 12 17.78 -11.56 -0.99
CA SER A 12 18.23 -11.14 0.34
C SER A 12 17.31 -10.04 0.89
N GLY A 13 16.76 -10.29 2.09
CA GLY A 13 15.84 -9.35 2.73
C GLY A 13 14.40 -9.30 2.20
N VAL A 14 14.05 -10.16 1.24
CA VAL A 14 12.68 -10.21 0.69
C VAL A 14 12.06 -11.55 1.08
N TYR A 15 10.79 -11.53 1.55
CA TYR A 15 10.04 -12.73 1.97
C TYR A 15 8.71 -12.72 1.24
N GLU A 16 8.29 -13.88 0.72
CA GLU A 16 7.11 -13.95 -0.14
C GLU A 16 6.27 -15.17 0.12
N MET A 17 4.98 -15.07 -0.24
CA MET A 17 4.08 -16.23 -0.30
C MET A 17 2.95 -15.94 -1.27
N LYS A 18 2.44 -16.98 -1.91
CA LYS A 18 1.27 -16.86 -2.79
C LYS A 18 -0.01 -16.74 -1.96
N ILE A 19 -0.91 -15.86 -2.40
CA ILE A 19 -2.29 -15.75 -1.83
C ILE A 19 -3.17 -15.85 -3.10
N GLY A 20 -3.69 -17.04 -3.37
CA GLY A 20 -4.36 -17.28 -4.67
C GLY A 20 -3.38 -17.04 -5.80
N SER A 21 -3.79 -16.23 -6.79
CA SER A 21 -2.96 -15.86 -7.94
C SER A 21 -2.00 -14.66 -7.70
N ILE A 22 -1.99 -14.09 -6.50
CA ILE A 22 -1.14 -12.92 -6.20
C ILE A 22 0.12 -13.34 -5.41
N ILE A 23 1.28 -12.81 -5.83
N ILE A 23 1.29 -12.86 -5.82
N ILE A 23 1.28 -12.81 -5.83
CA ILE A 23 2.50 -12.94 -5.05
CA ILE A 23 2.48 -13.03 -4.99
CA ILE A 23 2.50 -12.94 -5.05
C ILE A 23 2.54 -11.81 -4.02
C ILE A 23 2.58 -11.84 -4.03
C ILE A 23 2.54 -11.81 -4.02
N PHE A 24 2.53 -12.16 -2.74
CA PHE A 24 2.58 -11.16 -1.63
C PHE A 24 4.03 -11.16 -1.09
N GLN A 25 4.66 -9.98 -1.05
CA GLN A 25 6.04 -9.84 -0.59
C GLN A 25 6.17 -8.76 0.50
N VAL A 26 7.16 -8.94 1.38
CA VAL A 26 7.55 -7.94 2.36
C VAL A 26 9.08 -7.76 2.37
N ALA A 27 9.53 -6.54 2.64
CA ALA A 27 10.98 -6.20 2.73
C ALA A 27 11.09 -4.87 3.49
N SER A 28 12.29 -4.58 3.99
N SER A 28 12.29 -4.56 3.99
N SER A 28 12.28 -4.58 4.02
CA SER A 28 12.59 -3.29 4.60
CA SER A 28 12.55 -3.26 4.62
CA SER A 28 12.55 -3.27 4.61
C SER A 28 13.34 -2.40 3.61
C SER A 28 13.42 -2.38 3.72
C SER A 28 13.29 -2.40 3.59
N GLY A 29 13.11 -1.09 3.70
CA GLY A 29 13.81 -0.11 2.82
C GLY A 29 13.06 1.21 2.65
N ASP A 30 13.53 2.02 1.69
CA ASP A 30 12.93 3.30 1.34
C ASP A 30 11.95 3.09 0.17
N ILE A 31 10.66 3.21 0.47
CA ILE A 31 9.60 3.01 -0.53
C ILE A 31 9.70 3.96 -1.75
N THR A 32 10.34 5.13 -1.58
CA THR A 32 10.44 6.10 -2.69
C THR A 32 11.43 5.69 -3.80
N LYS A 33 12.21 4.62 -3.56
CA LYS A 33 13.12 4.05 -4.54
C LYS A 33 12.52 2.86 -5.33
N GLU A 34 11.30 2.45 -4.98
CA GLU A 34 10.62 1.32 -5.64
C GLU A 34 9.97 1.71 -6.97
N GLU A 35 9.83 0.71 -7.85
CA GLU A 35 9.07 0.83 -9.11
C GLU A 35 7.84 -0.09 -9.03
N ALA A 36 6.65 0.45 -9.31
CA ALA A 36 5.40 -0.34 -9.34
C ALA A 36 4.37 0.45 -10.13
N ASP A 37 3.30 -0.19 -10.59
CA ASP A 37 2.24 0.59 -11.24
C ASP A 37 1.61 1.64 -10.29
N VAL A 38 1.34 1.20 -9.05
CA VAL A 38 0.88 2.10 -7.98
C VAL A 38 1.79 2.02 -6.74
N ILE A 39 2.13 3.20 -6.20
CA ILE A 39 2.72 3.36 -4.86
C ILE A 39 1.67 3.99 -3.96
N VAL A 40 1.49 3.44 -2.75
CA VAL A 40 0.53 3.96 -1.77
C VAL A 40 1.24 4.89 -0.77
N ASN A 41 0.60 6.04 -0.50
CA ASN A 41 1.03 6.98 0.55
C ASN A 41 0.05 6.90 1.73
N SER A 42 0.56 6.81 2.96
CA SER A 42 -0.25 6.84 4.19
C SER A 42 -0.17 8.24 4.80
N THR A 43 -1.26 8.99 4.74
CA THR A 43 -1.27 10.42 5.03
C THR A 43 -2.44 10.77 5.97
N SER A 44 -2.66 12.07 6.17
CA SER A 44 -3.76 12.59 6.99
C SER A 44 -5.03 12.81 6.17
N ASN A 45 -6.14 13.12 6.84
CA ASN A 45 -7.41 13.38 6.16
C ASN A 45 -7.42 14.67 5.32
N SER A 46 -6.38 15.49 5.44
CA SER A 46 -6.18 16.70 4.60
C SER A 46 -5.28 16.45 3.37
N PHE A 47 -4.70 15.24 3.30
CA PHE A 47 -3.78 14.82 2.24
C PHE A 47 -2.54 15.73 2.05
N ASN A 48 -2.00 16.23 3.17
CA ASN A 48 -0.86 17.15 3.15
C ASN A 48 0.12 16.89 4.30
N LEU A 49 0.02 15.72 4.92
CA LEU A 49 0.97 15.36 5.95
C LEU A 49 2.36 15.28 5.31
N LYS A 50 3.36 15.77 6.03
N LYS A 50 3.37 15.81 5.99
N LYS A 50 3.36 15.77 6.03
CA LYS A 50 4.73 15.69 5.56
CA LYS A 50 4.75 15.67 5.54
CA LYS A 50 4.73 15.69 5.56
C LYS A 50 5.62 15.25 6.72
C LYS A 50 5.60 15.26 6.73
C LYS A 50 5.62 15.25 6.72
N ALA A 51 5.32 14.07 7.24
CA ALA A 51 6.04 13.49 8.40
C ALA A 51 6.20 11.97 8.16
N GLY A 52 7.39 11.46 8.43
CA GLY A 52 7.70 10.04 8.23
C GLY A 52 7.63 9.68 6.75
N VAL A 53 6.99 8.56 6.44
CA VAL A 53 6.97 8.08 5.06
C VAL A 53 6.24 9.10 4.13
N SER A 54 5.21 9.79 4.61
CA SER A 54 4.54 10.85 3.82
C SER A 54 5.46 12.02 3.44
N LYS A 55 6.40 12.40 4.33
CA LYS A 55 7.43 13.40 4.00
C LYS A 55 8.25 12.95 2.79
N ALA A 56 8.80 11.73 2.87
CA ALA A 56 9.60 11.17 1.79
C ALA A 56 8.84 11.08 0.47
N ILE A 57 7.60 10.60 0.50
CA ILE A 57 6.78 10.47 -0.71
C ILE A 57 6.46 11.85 -1.32
N LEU A 58 5.99 12.82 -0.53
CA LEU A 58 5.67 14.15 -1.11
C LEU A 58 6.89 14.93 -1.61
N GLU A 59 8.01 14.85 -0.88
CA GLU A 59 9.25 15.50 -1.32
C GLU A 59 9.77 14.94 -2.65
N CYS A 60 9.80 13.62 -2.77
N CYS A 60 9.79 13.62 -2.77
N CYS A 60 9.79 13.62 -2.77
CA CYS A 60 10.25 12.95 -3.99
CA CYS A 60 10.28 12.96 -3.98
CA CYS A 60 10.28 12.96 -3.98
C CYS A 60 9.28 13.15 -5.14
C CYS A 60 9.29 13.05 -5.15
C CYS A 60 9.29 13.05 -5.15
N ALA A 61 7.98 13.03 -4.86
CA ALA A 61 6.93 13.18 -5.92
C ALA A 61 6.88 14.57 -6.59
N GLY A 62 6.99 15.60 -5.76
CA GLY A 62 7.14 16.99 -6.23
C GLY A 62 5.90 17.83 -6.02
N GLN A 63 6.03 19.12 -6.36
CA GLN A 63 5.03 20.13 -6.01
C GLN A 63 3.74 20.04 -6.82
N ASN A 64 3.81 19.54 -8.06
CA ASN A 64 2.60 19.33 -8.87
C ASN A 64 1.67 18.27 -8.22
N VAL A 65 2.26 17.21 -7.67
CA VAL A 65 1.51 16.20 -6.89
C VAL A 65 0.90 16.80 -5.62
N GLU A 66 1.68 17.61 -4.89
CA GLU A 66 1.15 18.34 -3.71
C GLU A 66 -0.04 19.21 -4.07
N ARG A 67 0.08 19.93 -5.20
CA ARG A 67 -1.00 20.75 -5.74
C ARG A 67 -2.27 19.95 -6.10
N GLU A 68 -2.09 18.79 -6.72
N GLU A 68 -2.09 18.81 -6.74
N GLU A 68 -2.09 18.79 -6.72
CA GLU A 68 -3.21 17.91 -7.05
CA GLU A 68 -3.17 17.86 -7.06
CA GLU A 68 -3.21 17.91 -7.05
C GLU A 68 -3.93 17.38 -5.81
C GLU A 68 -3.92 17.43 -5.79
C GLU A 68 -3.93 17.38 -5.81
N CYS A 69 -3.16 17.10 -4.75
CA CYS A 69 -3.73 16.67 -3.45
C CYS A 69 -4.65 17.72 -2.75
N SER A 70 -4.21 18.97 -2.72
N SER A 70 -4.21 18.97 -2.72
N SER A 70 -4.21 18.97 -2.72
CA SER A 70 -4.95 20.05 -2.07
CA SER A 70 -4.96 20.05 -2.08
CA SER A 70 -4.95 20.05 -2.07
C SER A 70 -6.19 20.45 -2.87
C SER A 70 -6.20 20.43 -2.87
C SER A 70 -6.19 20.45 -2.87
N GLN A 71 -6.08 20.42 -4.19
CA GLN A 71 -7.20 20.73 -5.09
C GLN A 71 -8.35 19.73 -4.93
N GLN A 72 -8.00 18.44 -4.91
CA GLN A 72 -9.00 17.36 -4.72
C GLN A 72 -9.61 17.34 -3.30
N ALA A 73 -8.80 17.66 -2.29
CA ALA A 73 -9.26 17.72 -0.89
C ALA A 73 -10.36 18.76 -0.65
N GLN A 74 -10.25 19.91 -1.32
CA GLN A 74 -11.26 20.97 -1.21
C GLN A 74 -12.53 20.72 -2.07
N GLN A 75 -12.40 19.92 -3.13
CA GLN A 75 -13.52 19.61 -4.03
C GLN A 75 -14.63 18.77 -3.39
N ARG A 76 -14.24 17.75 -2.62
CA ARG A 76 -15.21 16.84 -1.98
C ARG A 76 -14.61 16.19 -0.74
N LYS A 77 -15.44 15.47 0.01
CA LYS A 77 -14.99 14.64 1.14
C LYS A 77 -14.50 13.29 0.58
N ASN A 78 -13.18 13.06 0.67
CA ASN A 78 -12.53 11.86 0.11
C ASN A 78 -12.04 10.90 1.20
N ASP A 79 -12.35 9.61 1.06
CA ASP A 79 -11.70 8.56 1.87
C ASP A 79 -10.25 8.31 1.43
N TYR A 80 -9.95 8.56 0.15
CA TYR A 80 -8.61 8.45 -0.45
C TYR A 80 -8.63 9.23 -1.76
N ILE A 81 -7.46 9.58 -2.30
N ILE A 81 -7.43 9.54 -2.28
N ILE A 81 -7.46 9.58 -2.30
CA ILE A 81 -7.39 10.21 -3.61
CA ILE A 81 -7.21 10.35 -3.49
CA ILE A 81 -7.39 10.22 -3.61
C ILE A 81 -6.32 9.55 -4.48
C ILE A 81 -6.20 9.69 -4.44
C ILE A 81 -6.33 9.55 -4.46
N ILE A 82 -6.50 9.73 -5.78
N ILE A 82 -6.49 9.73 -5.75
N ILE A 82 -6.48 9.74 -5.77
CA ILE A 82 -5.56 9.22 -6.78
CA ILE A 82 -5.55 9.22 -6.76
CA ILE A 82 -5.55 9.21 -6.76
C ILE A 82 -4.92 10.41 -7.49
C ILE A 82 -4.93 10.38 -7.52
C ILE A 82 -4.93 10.38 -7.52
N THR A 83 -3.60 10.42 -7.57
CA THR A 83 -2.84 11.48 -8.31
C THR A 83 -1.85 10.81 -9.26
N GLY A 84 -1.21 11.64 -10.09
CA GLY A 84 -0.06 11.20 -10.83
C GLY A 84 1.10 10.81 -9.92
N GLY A 85 2.11 10.20 -10.53
CA GLY A 85 3.29 9.72 -9.84
C GLY A 85 4.38 10.76 -9.63
N GLY A 86 4.29 11.89 -10.34
CA GLY A 86 5.31 12.93 -10.25
C GLY A 86 6.65 12.33 -10.61
N PHE A 87 7.67 12.57 -9.77
CA PHE A 87 8.98 11.99 -9.97
C PHE A 87 9.24 10.65 -9.24
N LEU A 88 8.19 10.02 -8.70
CA LEU A 88 8.29 8.61 -8.31
C LEU A 88 8.18 7.69 -9.53
N ARG A 89 8.72 6.47 -9.38
CA ARG A 89 8.70 5.46 -10.42
C ARG A 89 7.39 4.63 -10.40
N CYS A 90 6.30 5.31 -10.74
CA CYS A 90 4.99 4.66 -10.75
C CYS A 90 4.09 5.42 -11.69
N LYS A 91 2.95 4.80 -12.04
CA LYS A 91 1.94 5.43 -12.90
C LYS A 91 0.99 6.31 -12.12
N ASN A 92 0.61 5.89 -10.89
CA ASN A 92 -0.24 6.69 -9.99
C ASN A 92 0.20 6.49 -8.55
N ILE A 93 -0.02 7.50 -7.70
CA ILE A 93 0.05 7.38 -6.25
C ILE A 93 -1.40 7.33 -5.74
N ILE A 94 -1.69 6.36 -4.88
CA ILE A 94 -2.98 6.39 -4.15
C ILE A 94 -2.68 6.79 -2.68
N HIS A 95 -3.27 7.92 -2.27
CA HIS A 95 -3.05 8.51 -0.94
C HIS A 95 -4.21 8.07 -0.04
N VAL A 96 -3.93 7.21 0.92
CA VAL A 96 -4.95 6.71 1.87
C VAL A 96 -4.73 7.40 3.23
N ILE A 97 -5.76 7.41 4.08
CA ILE A 97 -5.72 8.06 5.40
C ILE A 97 -5.23 7.03 6.43
N GLY A 98 -4.07 7.31 7.04
CA GLY A 98 -3.46 6.38 7.98
C GLY A 98 -4.32 5.96 9.16
N GLY A 99 -5.17 6.87 9.64
CA GLY A 99 -6.10 6.58 10.75
C GLY A 99 -7.34 5.76 10.40
N ASN A 100 -7.63 5.61 9.11
CA ASN A 100 -8.81 4.84 8.68
C ASN A 100 -8.58 3.32 8.85
N ASP A 101 -9.69 2.58 8.81
CA ASP A 101 -9.67 1.13 8.79
C ASP A 101 -8.73 0.63 7.66
N VAL A 102 -7.67 -0.09 8.04
CA VAL A 102 -6.63 -0.48 7.09
C VAL A 102 -7.16 -1.51 6.09
N LYS A 103 -7.98 -2.46 6.53
CA LYS A 103 -8.56 -3.44 5.60
C LYS A 103 -9.37 -2.74 4.49
N SER A 104 -10.20 -1.77 4.88
N SER A 104 -10.20 -1.78 4.88
N SER A 104 -10.20 -1.77 4.88
CA SER A 104 -10.99 -0.99 3.93
CA SER A 104 -10.98 -1.01 3.91
CA SER A 104 -10.99 -0.99 3.93
C SER A 104 -10.13 -0.20 2.94
C SER A 104 -10.09 -0.25 2.93
C SER A 104 -10.13 -0.20 2.94
N SER A 105 -9.05 0.41 3.44
CA SER A 105 -8.12 1.18 2.58
C SER A 105 -7.40 0.30 1.54
N VAL A 106 -6.93 -0.87 1.98
CA VAL A 106 -6.29 -1.83 1.07
C VAL A 106 -7.28 -2.39 0.02
N SER A 107 -8.50 -2.72 0.45
N SER A 107 -8.50 -2.72 0.45
N SER A 107 -8.50 -2.72 0.45
CA SER A 107 -9.54 -3.18 -0.47
CA SER A 107 -9.55 -3.17 -0.47
CA SER A 107 -9.54 -3.18 -0.47
C SER A 107 -9.83 -2.15 -1.58
C SER A 107 -9.80 -2.15 -1.59
C SER A 107 -9.83 -2.15 -1.58
N SER A 108 -9.86 -0.87 -1.20
CA SER A 108 -10.04 0.23 -2.19
C SER A 108 -8.86 0.35 -3.18
N VAL A 109 -7.62 0.25 -2.67
CA VAL A 109 -6.43 0.24 -3.53
C VAL A 109 -6.50 -0.90 -4.57
N LEU A 110 -6.82 -2.10 -4.10
CA LEU A 110 -6.91 -3.29 -4.99
C LEU A 110 -7.97 -3.06 -6.11
N GLN A 111 -9.14 -2.57 -5.73
CA GLN A 111 -10.22 -2.33 -6.69
C GLN A 111 -9.87 -1.24 -7.73
N GLU A 112 -9.21 -0.18 -7.28
CA GLU A 112 -8.74 0.90 -8.19
C GLU A 112 -7.66 0.40 -9.18
N CYS A 113 -6.77 -0.49 -8.70
CA CYS A 113 -5.75 -1.08 -9.57
C CYS A 113 -6.36 -2.00 -10.64
N GLU A 114 -7.36 -2.81 -10.28
CA GLU A 114 -8.11 -3.60 -11.29
C GLU A 114 -8.79 -2.72 -12.34
N LYS A 115 -9.40 -1.61 -11.92
N LYS A 115 -9.39 -1.61 -11.92
N LYS A 115 -9.39 -1.61 -11.92
CA LYS A 115 -10.04 -0.67 -12.84
CA LYS A 115 -10.04 -0.67 -12.84
CA LYS A 115 -10.04 -0.67 -12.84
C LYS A 115 -9.08 -0.15 -13.91
C LYS A 115 -9.09 -0.07 -13.89
C LYS A 115 -9.09 -0.07 -13.89
N LYS A 116 -7.81 0.04 -13.54
CA LYS A 116 -6.76 0.51 -14.49
C LYS A 116 -5.98 -0.63 -15.18
N ASN A 117 -6.34 -1.90 -14.93
CA ASN A 117 -5.61 -3.06 -15.48
C ASN A 117 -4.13 -3.08 -15.04
N TYR A 118 -3.85 -2.60 -13.83
CA TYR A 118 -2.49 -2.63 -13.27
C TYR A 118 -2.13 -3.99 -12.66
N SER A 119 -0.83 -4.29 -12.68
CA SER A 119 -0.31 -5.57 -12.20
C SER A 119 0.45 -5.54 -10.89
N SER A 120 1.07 -4.40 -10.54
CA SER A 120 1.93 -4.31 -9.35
C SER A 120 1.58 -3.12 -8.45
N ILE A 121 1.69 -3.38 -7.13
CA ILE A 121 1.39 -2.39 -6.09
C ILE A 121 2.52 -2.46 -5.05
N CYS A 122 2.94 -1.28 -4.57
N CYS A 122 2.94 -1.30 -4.55
N CYS A 122 2.94 -1.28 -4.57
CA CYS A 122 3.85 -1.16 -3.43
CA CYS A 122 3.85 -1.24 -3.40
CA CYS A 122 3.85 -1.16 -3.43
C CYS A 122 3.19 -0.28 -2.37
C CYS A 122 3.27 -0.28 -2.36
C CYS A 122 3.19 -0.28 -2.37
N LEU A 123 3.22 -0.74 -1.11
CA LEU A 123 2.61 0.04 0.01
C LEU A 123 3.51 0.01 1.24
N PRO A 124 3.37 1.03 2.12
CA PRO A 124 4.06 1.03 3.42
C PRO A 124 3.23 0.26 4.45
N ALA A 125 3.70 0.16 5.68
CA ALA A 125 2.91 -0.39 6.78
C ALA A 125 1.89 0.67 7.23
N ILE A 126 0.81 0.79 6.44
CA ILE A 126 -0.20 1.86 6.56
C ILE A 126 -0.69 1.98 8.00
N GLY A 127 -0.65 3.20 8.55
CA GLY A 127 -1.18 3.49 9.89
C GLY A 127 -0.20 3.36 11.04
N THR A 128 1.01 2.80 10.80
CA THR A 128 1.98 2.59 11.89
C THR A 128 2.80 3.81 12.25
N GLY A 129 2.73 4.85 11.42
CA GLY A 129 3.46 6.11 11.63
C GLY A 129 2.65 7.08 12.49
N ASN A 130 2.27 8.24 11.96
CA ASN A 130 1.61 9.27 12.78
C ASN A 130 0.25 8.86 13.36
N ALA A 131 -0.48 7.95 12.68
CA ALA A 131 -1.75 7.44 13.18
C ALA A 131 -1.58 6.52 14.41
N LYS A 132 -0.38 5.95 14.59
CA LYS A 132 -0.05 5.10 15.73
C LYS A 132 -1.01 3.90 15.91
N GLN A 133 -1.40 3.27 14.80
CA GLN A 133 -2.05 1.96 14.85
C GLN A 133 -0.99 0.88 15.15
N HIS A 134 -1.38 -0.17 15.85
CA HIS A 134 -0.46 -1.21 16.28
C HIS A 134 0.01 -2.11 15.11
N PRO A 135 1.34 -2.37 14.99
CA PRO A 135 1.84 -3.16 13.87
C PRO A 135 1.21 -4.53 13.56
N ASP A 136 0.89 -5.31 14.61
N ASP A 136 0.90 -5.37 14.56
N ASP A 136 0.89 -5.31 14.61
CA ASP A 136 0.26 -6.62 14.45
CA ASP A 136 0.26 -6.67 14.23
CA ASP A 136 0.26 -6.62 14.45
C ASP A 136 -1.15 -6.53 13.85
C ASP A 136 -1.19 -6.53 13.77
C ASP A 136 -1.15 -6.53 13.85
N LYS A 137 -1.91 -5.53 14.28
CA LYS A 137 -3.27 -5.25 13.74
C LYS A 137 -3.20 -4.77 12.27
N VAL A 138 -2.18 -3.96 11.96
CA VAL A 138 -1.98 -3.48 10.58
C VAL A 138 -1.60 -4.64 9.63
N ALA A 139 -0.68 -5.50 10.06
CA ALA A 139 -0.30 -6.68 9.25
C ALA A 139 -1.52 -7.59 9.00
N GLU A 140 -2.28 -7.87 10.06
CA GLU A 140 -3.48 -8.71 9.95
C GLU A 140 -4.49 -8.14 8.94
N ALA A 141 -4.70 -6.82 9.00
CA ALA A 141 -5.64 -6.13 8.12
C ALA A 141 -5.23 -6.12 6.65
N ILE A 142 -3.94 -5.86 6.38
CA ILE A 142 -3.43 -5.85 5.01
C ILE A 142 -3.61 -7.22 4.36
N ILE A 143 -3.18 -8.27 5.06
CA ILE A 143 -3.26 -9.63 4.50
C ILE A 143 -4.74 -10.09 4.38
N ASP A 144 -5.57 -9.77 5.38
CA ASP A 144 -7.01 -10.08 5.30
C ASP A 144 -7.67 -9.44 4.04
N ALA A 145 -7.29 -8.20 3.72
CA ALA A 145 -7.87 -7.54 2.54
C ALA A 145 -7.53 -8.29 1.25
N ILE A 146 -6.27 -8.74 1.14
CA ILE A 146 -5.84 -9.48 -0.05
C ILE A 146 -6.58 -10.84 -0.13
N GLU A 147 -6.66 -11.57 0.99
CA GLU A 147 -7.45 -12.82 1.06
C GLU A 147 -8.90 -12.67 0.58
N ASP A 148 -9.59 -11.64 1.07
N ASP A 148 -9.59 -11.64 1.07
N ASP A 148 -9.59 -11.63 1.05
CA ASP A 148 -10.98 -11.37 0.68
CA ASP A 148 -10.98 -11.37 0.68
CA ASP A 148 -10.98 -11.38 0.68
C ASP A 148 -11.12 -11.07 -0.81
C ASP A 148 -11.12 -11.07 -0.81
C ASP A 148 -11.13 -11.06 -0.81
N PHE A 149 -10.21 -10.25 -1.35
CA PHE A 149 -10.18 -9.90 -2.80
C PHE A 149 -10.01 -11.14 -3.70
N VAL A 150 -9.12 -12.04 -3.29
CA VAL A 150 -8.90 -13.33 -3.96
C VAL A 150 -10.13 -14.26 -3.82
N GLN A 151 -10.69 -14.35 -2.61
CA GLN A 151 -11.86 -15.22 -2.34
C GLN A 151 -13.06 -14.84 -3.23
N LYS A 152 -13.27 -13.55 -3.44
CA LYS A 152 -14.38 -13.02 -4.27
C LYS A 152 -14.17 -13.14 -5.79
N GLY A 153 -13.01 -13.66 -6.20
CA GLY A 153 -12.67 -13.80 -7.61
C GLY A 153 -12.33 -12.50 -8.31
N SER A 154 -11.92 -11.48 -7.54
CA SER A 154 -11.68 -10.14 -8.09
C SER A 154 -10.27 -9.93 -8.67
N ALA A 155 -9.32 -10.80 -8.33
CA ALA A 155 -7.95 -10.67 -8.86
C ALA A 155 -7.93 -11.16 -10.30
N GLN A 156 -7.61 -10.27 -11.22
CA GLN A 156 -7.48 -10.58 -12.67
C GLN A 156 -6.18 -9.96 -13.22
N SER A 157 -6.08 -8.63 -13.19
N SER A 157 -6.07 -8.63 -13.20
N SER A 157 -6.08 -8.63 -13.19
CA SER A 157 -4.86 -7.93 -13.60
CA SER A 157 -4.85 -7.93 -13.60
CA SER A 157 -4.86 -7.93 -13.60
C SER A 157 -3.79 -7.88 -12.50
C SER A 157 -3.78 -7.89 -12.49
C SER A 157 -3.79 -7.88 -12.50
N VAL A 158 -4.20 -7.73 -11.23
CA VAL A 158 -3.24 -7.62 -10.09
C VAL A 158 -2.51 -8.95 -9.83
N LYS A 159 -1.17 -8.91 -9.93
CA LYS A 159 -0.30 -10.10 -9.75
C LYS A 159 0.73 -10.02 -8.61
N LYS A 160 1.08 -8.80 -8.18
CA LYS A 160 2.14 -8.61 -7.17
C LYS A 160 1.77 -7.48 -6.21
N VAL A 161 1.80 -7.76 -4.90
CA VAL A 161 1.57 -6.76 -3.85
C VAL A 161 2.75 -6.84 -2.88
N LYS A 162 3.52 -5.74 -2.79
CA LYS A 162 4.73 -5.70 -1.94
C LYS A 162 4.62 -4.62 -0.86
N VAL A 163 4.90 -4.99 0.40
CA VAL A 163 4.94 -4.01 1.50
C VAL A 163 6.41 -3.69 1.75
N VAL A 164 6.81 -2.43 1.54
CA VAL A 164 8.18 -1.97 1.86
C VAL A 164 8.07 -1.16 3.15
N ILE A 165 8.77 -1.63 4.18
CA ILE A 165 8.54 -1.23 5.57
C ILE A 165 9.79 -0.48 6.08
N PHE A 166 9.62 0.72 6.63
CA PHE A 166 10.79 1.54 7.00
C PHE A 166 11.62 0.94 8.15
N LEU A 167 10.93 0.47 9.19
CA LEU A 167 11.60 -0.10 10.37
C LEU A 167 11.72 -1.63 10.33
N PRO A 168 12.95 -2.18 10.40
CA PRO A 168 13.10 -3.63 10.47
C PRO A 168 12.27 -4.35 11.55
N GLN A 169 12.07 -3.72 12.70
CA GLN A 169 11.24 -4.36 13.75
C GLN A 169 9.79 -4.56 13.34
N VAL A 170 9.26 -3.69 12.48
CA VAL A 170 7.91 -3.89 11.91
C VAL A 170 7.88 -5.04 10.88
N LEU A 171 8.95 -5.19 10.10
N LEU A 171 8.94 -5.19 10.07
N LEU A 171 8.94 -5.19 10.09
CA LEU A 171 9.09 -6.31 9.15
CA LEU A 171 9.08 -6.32 9.15
CA LEU A 171 9.09 -6.31 9.15
C LEU A 171 8.98 -7.67 9.87
C LEU A 171 8.94 -7.66 9.90
C LEU A 171 8.98 -7.67 9.87
N ASP A 172 9.58 -7.77 11.06
CA ASP A 172 9.51 -9.02 11.88
C ASP A 172 8.06 -9.42 12.22
N VAL A 173 7.21 -8.43 12.51
CA VAL A 173 5.81 -8.65 12.79
C VAL A 173 5.03 -9.17 11.54
N PHE A 174 5.30 -8.57 10.39
CA PHE A 174 4.69 -9.03 9.12
C PHE A 174 5.10 -10.49 8.79
N TYR A 175 6.39 -10.81 8.93
CA TYR A 175 6.87 -12.18 8.65
C TYR A 175 6.17 -13.21 9.55
N ALA A 176 6.04 -12.91 10.84
CA ALA A 176 5.32 -13.82 11.78
C ALA A 176 3.85 -14.04 11.39
N ASN A 177 3.20 -12.99 10.89
CA ASN A 177 1.80 -13.11 10.44
C ASN A 177 1.71 -14.03 9.19
N MET A 178 2.64 -13.87 8.25
CA MET A 178 2.72 -14.76 7.07
C MET A 178 2.90 -16.24 7.49
N LYS A 179 3.79 -16.50 8.44
CA LYS A 179 4.03 -17.86 8.90
C LYS A 179 2.80 -18.47 9.59
N LYS A 180 2.02 -17.64 10.28
CA LYS A 180 0.77 -18.09 10.92
C LYS A 180 -0.19 -18.63 9.86
N ARG A 181 -0.23 -17.96 8.71
CA ARG A 181 -1.18 -18.31 7.65
C ARG A 181 -0.75 -19.42 6.69
N GLU A 182 0.54 -19.73 6.64
CA GLU A 182 1.07 -20.50 5.50
C GLU A 182 0.49 -21.90 5.42
N GLY A 183 0.39 -22.43 4.20
CA GLY A 183 -0.20 -23.74 3.95
C GLY A 183 0.71 -24.89 4.34
CL CL B . 0.24 6.64 9.28
CL CL C . 6.41 1.85 6.93
S DMS D . -10.55 2.17 12.15
O DMS D . -10.89 3.61 12.31
C1 DMS D . -8.93 1.94 12.63
C2 DMS D . -11.37 1.20 13.29
N1 GW1 E . 8.33 6.01 11.38
N3 GW1 E . 10.84 8.47 11.09
C4 GW1 E . 8.42 5.17 9.40
C5 GW1 E . 9.52 8.15 11.14
C6 GW1 E . 11.93 7.54 10.70
C7 GW1 E . 12.96 7.45 11.81
C8 GW1 E . 13.49 8.83 12.20
C10 GW1 E . 11.34 9.81 11.38
C1 GW1 E . 7.98 6.05 12.80
C2 GW1 E . 9.01 6.90 10.64
C3 GW1 E . 9.06 6.36 9.36
N2 GW1 E . 7.97 4.94 10.62
CL1 GW1 E . 9.81 7.09 7.99
O1 GW1 E . 8.69 8.95 11.60
C9 GW1 E . 12.33 9.75 12.53
#